data_3NPQ
#
_entry.id   3NPQ
#
_cell.length_a   93.793
_cell.length_b   103.241
_cell.length_c   69.583
_cell.angle_alpha   90.00
_cell.angle_beta   97.90
_cell.angle_gamma   90.00
#
_symmetry.space_group_name_H-M   'C 1 2 1'
#
loop_
_entity.id
_entity.type
_entity.pdbx_description
1 polymer 'S-ADENOSYLHOMOCYSTEINE RIBOSWITCH'
2 non-polymer S-ADENOSYL-L-HOMOCYSTEINE
3 non-polymer 'COBALT HEXAMMINE(III)'
4 water water
#
_entity_poly.entity_id   1
_entity_poly.type   'polyribonucleotide'
_entity_poly.pdbx_seq_one_letter_code
;GGACGAGGAGCGCUGCAAGCGAGAGCCCAGGCUCGUCCGUUCAAACGGCGCUCA
;
_entity_poly.pdbx_strand_id   A,B,C
#